data_8CPI
#
_entry.id   8CPI
#
_cell.length_a   65.595
_cell.length_b   65.595
_cell.length_c   157.264
_cell.angle_alpha   90.00
_cell.angle_beta   90.00
_cell.angle_gamma   90.00
#
_symmetry.space_group_name_H-M   'P 43 21 2'
#
loop_
_entity.id
_entity.type
_entity.pdbx_description
1 polymer 'Peroxisome proliferator-activated receptor gamma'
2 non-polymer '2-({4-CHLORO-6-[(2,3-DIMETHYLPHENYL)AMINO]PYRIMIDIN-2-YL}SULFANYL)ACETIC ACID'
3 water water
#
_entity_poly.entity_id   1
_entity_poly.type   'polypeptide(L)'
_entity_poly.pdbx_seq_one_letter_code
;SMQLNPESADLRALAKHLYDSYIKSFPLTKAKARAILTGKTTDKSPFVIYDMNSLMMGEDKIKFKHITPLQEQSKEVAIR
IFQGCQFRSVEAVQEITEYAKSIPGFVNLDLNDQVTLLKYGVHEIIYTMLASLMNKDGVLISEGQGFMTREFLKSLRKPF
GDFMEPKFEFAVKFNALELDDSDLAIFIAVIILSGDRPGLLNVKPIEDIQDNLLQALELQLKLNHPESSQLFAKLLQKMT
DLRQIVTEHVQLLQVIKKTETDMSLHPLLQEIYKDLY
;
_entity_poly.pdbx_strand_id   A
#
loop_
_chem_comp.id
_chem_comp.type
_chem_comp.name
_chem_comp.formula
WY1 non-polymer '2-({4-CHLORO-6-[(2,3-DIMETHYLPHENYL)AMINO]PYRIMIDIN-2-YL}SULFANYL)ACETIC ACID' 'C14 H14 Cl N3 O2 S'
#
# COMPACT_ATOMS: atom_id res chain seq x y z
N SER A 1 25.08 10.73 18.66
CA SER A 1 26.41 10.04 18.70
C SER A 1 26.69 9.37 17.35
N MET A 2 26.13 9.89 16.26
CA MET A 2 26.19 9.24 14.92
C MET A 2 27.64 9.18 14.46
N GLN A 3 28.01 8.06 13.84
CA GLN A 3 29.40 7.71 13.47
C GLN A 3 29.42 6.89 12.19
N LEU A 4 30.47 7.03 11.41
CA LEU A 4 30.87 6.10 10.34
C LEU A 4 31.66 4.98 10.96
N ASN A 5 31.05 3.83 11.15
CA ASN A 5 31.72 2.59 11.63
C ASN A 5 31.26 1.43 10.76
N PRO A 6 31.84 0.21 10.96
CA PRO A 6 31.42 -0.95 10.17
C PRO A 6 29.90 -1.19 10.31
N GLU A 7 29.32 -0.82 11.45
CA GLU A 7 27.89 -1.08 11.77
C GLU A 7 27.02 -0.21 10.85
N SER A 8 27.34 1.10 10.76
CA SER A 8 26.57 2.09 9.97
C SER A 8 26.74 1.82 8.47
N ALA A 9 27.92 1.36 8.04
CA ALA A 9 28.20 1.03 6.62
C ALA A 9 27.30 -0.13 6.18
N ASP A 10 26.99 -1.05 7.11
CA ASP A 10 26.11 -2.23 6.88
C ASP A 10 24.63 -1.79 6.83
N LEU A 11 24.22 -0.91 7.75
CA LEU A 11 22.84 -0.35 7.77
C LEU A 11 22.60 0.42 6.47
N ARG A 12 23.64 1.07 5.93
CA ARG A 12 23.59 1.74 4.61
C ARG A 12 23.51 0.68 3.49
N ALA A 13 24.28 -0.42 3.59
CA ALA A 13 24.19 -1.60 2.66
C ALA A 13 22.77 -2.18 2.67
N LEU A 14 22.21 -2.44 3.85
CA LEU A 14 20.85 -3.01 4.02
C LEU A 14 19.82 -2.09 3.35
N ALA A 15 19.87 -0.79 3.67
CA ALA A 15 19.03 0.26 3.07
C ALA A 15 19.07 0.18 1.53
N LYS A 16 20.29 0.16 0.94
CA LYS A 16 20.48 0.18 -0.54
C LYS A 16 19.84 -1.10 -1.15
N HIS A 17 20.04 -2.25 -0.51
CA HIS A 17 19.52 -3.56 -0.97
C HIS A 17 17.97 -3.48 -1.06
N LEU A 18 17.34 -2.99 0.01
CA LEU A 18 15.88 -2.81 0.13
C LEU A 18 15.38 -1.88 -0.94
N TYR A 19 16.03 -0.73 -1.13
CA TYR A 19 15.63 0.22 -2.19
C TYR A 19 15.63 -0.49 -3.55
N ASP A 20 16.73 -1.17 -3.89
CA ASP A 20 16.92 -1.82 -5.21
C ASP A 20 15.83 -2.87 -5.43
N SER A 21 15.56 -3.69 -4.41
CA SER A 21 14.45 -4.68 -4.40
C SER A 21 13.14 -3.97 -4.69
N TYR A 22 12.92 -2.86 -3.99
CA TYR A 22 11.69 -2.06 -4.04
C TYR A 22 11.49 -1.60 -5.47
N ILE A 23 12.54 -1.06 -6.08
CA ILE A 23 12.52 -0.57 -7.49
C ILE A 23 12.13 -1.74 -8.41
N LYS A 24 12.58 -2.95 -8.10
CA LYS A 24 12.33 -4.16 -8.93
C LYS A 24 10.90 -4.65 -8.74
N SER A 25 10.29 -4.46 -7.56
CA SER A 25 9.02 -5.13 -7.16
C SER A 25 7.80 -4.27 -7.49
N PHE A 26 7.96 -2.96 -7.46
CA PHE A 26 6.85 -1.99 -7.59
C PHE A 26 7.08 -1.14 -8.81
N PRO A 27 6.38 -1.42 -9.92
CA PRO A 27 6.60 -0.69 -11.16
C PRO A 27 6.34 0.80 -10.98
N LEU A 28 5.25 1.15 -10.31
CA LEU A 28 4.88 2.58 -10.04
C LEU A 28 5.44 3.00 -8.66
N THR A 29 6.60 3.65 -8.68
CA THR A 29 7.30 4.19 -7.48
C THR A 29 6.61 5.50 -7.02
N LYS A 30 6.94 6.01 -5.86
CA LYS A 30 6.41 7.32 -5.47
C LYS A 30 7.01 8.37 -6.40
N ALA A 31 8.27 8.25 -6.76
CA ALA A 31 8.97 9.24 -7.61
C ALA A 31 8.20 9.42 -8.92
N LYS A 32 7.80 8.32 -9.55
CA LYS A 32 7.03 8.33 -10.83
C LYS A 32 5.64 8.92 -10.58
N ALA A 33 4.97 8.48 -9.52
CA ALA A 33 3.60 8.91 -9.19
C ALA A 33 3.58 10.42 -9.04
N ARG A 34 4.56 10.99 -8.30
CA ARG A 34 4.57 12.46 -7.99
C ARG A 34 4.77 13.24 -9.28
N ALA A 35 5.62 12.75 -10.14
CA ALA A 35 5.95 13.36 -11.45
C ALA A 35 4.66 13.48 -12.27
N ILE A 36 3.85 12.41 -12.31
CA ILE A 36 2.53 12.40 -13.03
C ILE A 36 1.59 13.40 -12.36
N LEU A 37 1.48 13.36 -11.04
CA LEU A 37 0.47 14.11 -10.28
C LEU A 37 0.72 15.61 -10.43
N THR A 38 1.97 16.03 -10.64
CA THR A 38 2.40 17.45 -10.68
C THR A 38 2.47 17.92 -12.14
N GLY A 39 2.33 16.99 -13.09
CA GLY A 39 2.36 17.27 -14.54
C GLY A 39 3.76 17.19 -15.12
N LYS A 40 4.79 17.10 -14.26
CA LYS A 40 6.21 17.33 -14.62
C LYS A 40 6.72 16.20 -15.52
N THR A 41 6.09 15.03 -15.45
CA THR A 41 6.37 13.88 -16.34
C THR A 41 6.27 14.32 -17.80
N THR A 42 7.00 13.65 -18.68
CA THR A 42 6.96 13.82 -20.16
C THR A 42 6.01 12.76 -20.76
N ASP A 43 5.61 11.78 -19.95
CA ASP A 43 4.51 10.80 -20.24
C ASP A 43 3.27 11.57 -20.67
N LYS A 44 2.41 10.94 -21.47
CA LYS A 44 1.03 11.42 -21.77
C LYS A 44 0.26 11.52 -20.44
N SER A 45 -0.55 12.56 -20.27
CA SER A 45 -1.37 12.77 -19.06
C SER A 45 -2.26 11.55 -18.84
N PRO A 46 -2.49 11.14 -17.57
CA PRO A 46 -3.52 10.15 -17.27
C PRO A 46 -4.91 10.64 -17.73
N PHE A 47 -5.83 9.71 -17.99
CA PHE A 47 -7.27 10.00 -18.22
C PHE A 47 -7.93 10.28 -16.85
N VAL A 48 -8.69 11.36 -16.74
CA VAL A 48 -9.30 11.80 -15.47
C VAL A 48 -10.76 11.32 -15.41
N ILE A 49 -11.09 10.52 -14.40
CA ILE A 49 -12.47 10.12 -14.05
C ILE A 49 -12.97 11.03 -12.89
N TYR A 50 -13.89 11.93 -13.21
CA TYR A 50 -14.40 12.97 -12.29
C TYR A 50 -15.92 12.90 -12.23
N ASP A 51 -16.55 12.14 -13.12
CA ASP A 51 -18.03 11.96 -13.16
C ASP A 51 -18.36 10.69 -13.95
N MET A 52 -19.63 10.42 -14.09
CA MET A 52 -20.14 9.13 -14.64
C MET A 52 -19.86 9.04 -16.14
N ASN A 53 -19.88 10.16 -16.82
CA ASN A 53 -19.53 10.25 -18.25
C ASN A 53 -18.06 9.88 -18.44
N SER A 54 -17.14 10.52 -17.71
CA SER A 54 -15.68 10.29 -17.85
C SER A 54 -15.36 8.85 -17.39
N LEU A 55 -16.16 8.33 -16.46
CA LEU A 55 -16.00 6.94 -15.94
C LEU A 55 -16.15 5.99 -17.12
N MET A 56 -17.14 6.25 -17.95
CA MET A 56 -17.51 5.36 -19.06
C MET A 56 -16.59 5.57 -20.23
N MET A 57 -16.16 6.82 -20.49
CA MET A 57 -15.10 7.10 -21.51
C MET A 57 -13.79 6.45 -21.06
N GLY A 58 -13.53 6.48 -19.76
CA GLY A 58 -12.29 5.97 -19.13
C GLY A 58 -12.21 4.45 -19.17
N GLU A 59 -13.32 3.77 -18.90
CA GLU A 59 -13.42 2.29 -18.95
C GLU A 59 -13.17 1.82 -20.40
N ASP A 60 -13.51 2.66 -21.38
CA ASP A 60 -13.22 2.46 -22.83
C ASP A 60 -11.75 2.83 -23.14
N LYS A 61 -11.15 3.76 -22.40
CA LYS A 61 -9.87 4.44 -22.78
C LYS A 61 -8.69 3.81 -22.03
N ILE A 62 -8.90 3.34 -20.80
CA ILE A 62 -7.80 2.90 -19.89
C ILE A 62 -7.55 1.40 -20.11
N LYS A 63 -6.29 1.01 -20.33
CA LYS A 63 -5.86 -0.40 -20.59
C LYS A 63 -5.69 -1.14 -19.24
N PHE A 64 -6.81 -1.63 -18.70
CA PHE A 64 -6.90 -2.34 -17.39
C PHE A 64 -6.26 -3.74 -17.49
N LYS A 65 -6.35 -4.36 -18.69
CA LYS A 65 -5.57 -5.57 -19.12
C LYS A 65 -5.90 -6.76 -18.20
N HIS A 66 -7.17 -6.89 -17.79
CA HIS A 66 -7.75 -8.12 -17.16
C HIS A 66 -9.26 -8.17 -17.41
N ILE A 67 -9.68 -8.92 -18.44
CA ILE A 67 -11.09 -9.02 -18.92
C ILE A 67 -12.02 -9.07 -17.70
N THR A 68 -12.97 -8.13 -17.63
CA THR A 68 -14.25 -8.26 -16.89
C THR A 68 -15.22 -9.06 -17.74
N PRO A 69 -15.82 -10.17 -17.23
CA PRO A 69 -16.83 -10.91 -17.99
C PRO A 69 -18.11 -10.08 -18.21
N LEU A 70 -19.07 -10.62 -18.98
CA LEU A 70 -20.37 -9.96 -19.33
C LEU A 70 -21.33 -10.08 -18.13
N GLN A 71 -20.84 -10.58 -16.99
CA GLN A 71 -21.61 -10.72 -15.72
C GLN A 71 -21.34 -9.50 -14.81
N GLU A 72 -20.06 -9.10 -14.68
CA GLU A 72 -19.62 -7.95 -13.83
C GLU A 72 -19.96 -6.64 -14.55
N GLN A 73 -19.78 -6.59 -15.88
CA GLN A 73 -20.04 -5.40 -16.73
C GLN A 73 -21.53 -5.06 -16.66
N SER A 74 -22.37 -6.07 -16.46
CA SER A 74 -23.83 -5.92 -16.16
C SER A 74 -24.01 -5.21 -14.81
N LYS A 75 -23.02 -5.30 -13.91
CA LYS A 75 -23.08 -4.70 -12.55
C LYS A 75 -23.25 -3.19 -12.67
N GLU A 76 -23.73 -2.56 -11.63
CA GLU A 76 -23.78 -1.10 -11.51
C GLU A 76 -22.36 -0.56 -11.21
N VAL A 77 -22.20 0.75 -11.34
CA VAL A 77 -20.88 1.42 -11.34
C VAL A 77 -20.17 1.13 -10.01
N ALA A 78 -20.85 1.27 -8.87
CA ALA A 78 -20.19 1.26 -7.54
C ALA A 78 -19.53 -0.11 -7.35
N ILE A 79 -20.20 -1.17 -7.77
CA ILE A 79 -19.71 -2.58 -7.61
C ILE A 79 -18.58 -2.82 -8.63
N ARG A 80 -18.71 -2.33 -9.85
CA ARG A 80 -17.66 -2.42 -10.89
C ARG A 80 -16.38 -1.82 -10.33
N ILE A 81 -16.46 -0.62 -9.76
CA ILE A 81 -15.27 0.08 -9.22
C ILE A 81 -14.71 -0.74 -8.08
N PHE A 82 -15.56 -1.22 -7.18
CA PHE A 82 -15.12 -1.97 -5.98
C PHE A 82 -14.37 -3.22 -6.45
N GLN A 83 -14.85 -3.87 -7.50
CA GLN A 83 -14.25 -5.14 -7.98
C GLN A 83 -12.89 -4.84 -8.63
N GLY A 84 -12.78 -3.75 -9.37
CA GLY A 84 -11.50 -3.24 -9.86
C GLY A 84 -10.51 -3.03 -8.70
N CYS A 85 -10.93 -2.32 -7.66
CA CYS A 85 -10.13 -2.10 -6.44
C CYS A 85 -9.71 -3.45 -5.85
N GLN A 86 -10.61 -4.43 -5.81
CA GLN A 86 -10.32 -5.78 -5.30
C GLN A 86 -9.20 -6.41 -6.12
N PHE A 87 -9.28 -6.33 -7.45
CA PHE A 87 -8.31 -6.96 -8.38
C PHE A 87 -6.94 -6.33 -8.16
N ARG A 88 -6.91 -5.00 -8.00
CA ARG A 88 -5.67 -4.23 -7.77
C ARG A 88 -5.06 -4.61 -6.39
N SER A 89 -5.89 -4.85 -5.38
CA SER A 89 -5.44 -5.28 -4.05
C SER A 89 -4.71 -6.62 -4.18
N VAL A 90 -5.25 -7.54 -4.97
CA VAL A 90 -4.65 -8.89 -5.14
C VAL A 90 -3.27 -8.72 -5.81
N GLU A 91 -3.18 -7.95 -6.89
CA GLU A 91 -1.90 -7.59 -7.56
C GLU A 91 -0.91 -7.07 -6.50
N ALA A 92 -1.33 -6.09 -5.69
CA ALA A 92 -0.48 -5.43 -4.67
C ALA A 92 0.08 -6.47 -3.71
N VAL A 93 -0.73 -7.44 -3.33
CA VAL A 93 -0.28 -8.62 -2.57
C VAL A 93 0.86 -9.32 -3.35
N GLN A 94 0.66 -9.61 -4.62
CA GLN A 94 1.68 -10.30 -5.47
C GLN A 94 2.97 -9.49 -5.40
N GLU A 95 2.88 -8.20 -5.71
CA GLU A 95 4.03 -7.26 -5.76
C GLU A 95 4.72 -7.24 -4.39
N ILE A 96 3.95 -7.24 -3.31
CA ILE A 96 4.47 -7.03 -1.94
C ILE A 96 5.16 -8.31 -1.49
N THR A 97 4.61 -9.46 -1.87
CA THR A 97 5.17 -10.81 -1.57
C THR A 97 6.55 -10.92 -2.19
N GLU A 98 6.66 -10.56 -3.47
CA GLU A 98 7.94 -10.52 -4.23
C GLU A 98 8.95 -9.64 -3.47
N TYR A 99 8.54 -8.43 -3.05
CA TYR A 99 9.40 -7.50 -2.30
C TYR A 99 9.86 -8.15 -0.99
N ALA A 100 8.95 -8.72 -0.21
CA ALA A 100 9.28 -9.25 1.14
C ALA A 100 10.29 -10.41 0.95
N LYS A 101 10.27 -11.06 -0.22
CA LYS A 101 11.20 -12.20 -0.53
C LYS A 101 12.62 -11.67 -0.71
N SER A 102 12.75 -10.38 -1.07
CA SER A 102 14.05 -9.69 -1.27
C SER A 102 14.61 -9.19 0.07
N ILE A 103 13.84 -9.25 1.16
CA ILE A 103 14.25 -8.74 2.51
C ILE A 103 15.18 -9.75 3.11
N PRO A 104 16.48 -9.43 3.32
CA PRO A 104 17.44 -10.43 3.81
C PRO A 104 16.95 -11.13 5.09
N GLY A 105 16.97 -12.45 5.08
CA GLY A 105 16.50 -13.30 6.18
C GLY A 105 15.11 -13.85 5.90
N PHE A 106 14.26 -13.10 5.16
CA PHE A 106 12.82 -13.38 5.04
C PHE A 106 12.59 -14.83 4.61
N VAL A 107 13.20 -15.23 3.48
CA VAL A 107 12.97 -16.56 2.82
C VAL A 107 13.42 -17.68 3.78
N ASN A 108 14.35 -17.40 4.69
CA ASN A 108 14.96 -18.43 5.59
C ASN A 108 14.05 -18.65 6.81
N LEU A 109 13.06 -17.76 7.01
CA LEU A 109 11.97 -17.96 8.00
C LEU A 109 11.15 -19.18 7.57
N ASP A 110 10.46 -19.82 8.52
CA ASP A 110 9.54 -20.96 8.26
C ASP A 110 8.48 -20.50 7.24
N LEU A 111 8.17 -21.32 6.21
CA LEU A 111 7.31 -20.87 5.06
C LEU A 111 5.96 -20.40 5.61
N ASN A 112 5.45 -21.03 6.71
CA ASN A 112 4.17 -20.62 7.34
C ASN A 112 4.31 -19.23 8.00
N ASP A 113 5.48 -18.90 8.55
CA ASP A 113 5.76 -17.57 9.17
C ASP A 113 5.80 -16.51 8.09
N GLN A 114 6.43 -16.83 6.96
CA GLN A 114 6.44 -15.98 5.73
C GLN A 114 4.99 -15.67 5.31
N VAL A 115 4.10 -16.66 5.36
CA VAL A 115 2.67 -16.52 4.93
C VAL A 115 1.92 -15.63 5.95
N THR A 116 2.06 -15.88 7.27
CA THR A 116 1.38 -15.11 8.33
C THR A 116 1.73 -13.63 8.18
N LEU A 117 3.04 -13.31 8.20
CA LEU A 117 3.55 -11.92 8.12
C LEU A 117 2.80 -11.19 6.99
N LEU A 118 2.83 -11.75 5.77
CA LEU A 118 2.23 -11.13 4.56
C LEU A 118 0.71 -10.97 4.77
N LYS A 119 0.04 -12.02 5.23
CA LYS A 119 -1.44 -12.06 5.40
C LYS A 119 -1.92 -10.88 6.29
N TYR A 120 -1.18 -10.56 7.37
CA TYR A 120 -1.55 -9.50 8.36
C TYR A 120 -0.81 -8.19 8.05
N GLY A 121 0.15 -8.24 7.13
CA GLY A 121 0.99 -7.09 6.76
C GLY A 121 0.44 -6.37 5.55
N VAL A 122 -0.09 -7.11 4.58
CA VAL A 122 -0.19 -6.59 3.18
C VAL A 122 -1.01 -5.31 3.22
N HIS A 123 -2.10 -5.27 3.97
CA HIS A 123 -3.09 -4.18 3.92
C HIS A 123 -2.46 -2.91 4.50
N GLU A 124 -1.65 -3.03 5.56
CA GLU A 124 -0.89 -1.88 6.11
C GLU A 124 0.03 -1.32 5.02
N ILE A 125 0.68 -2.19 4.24
CA ILE A 125 1.59 -1.80 3.15
C ILE A 125 0.77 -1.15 2.03
N ILE A 126 -0.39 -1.68 1.72
CA ILE A 126 -1.22 -1.21 0.59
C ILE A 126 -1.62 0.25 0.86
N TYR A 127 -2.03 0.57 2.08
CA TYR A 127 -2.48 1.93 2.48
C TYR A 127 -1.27 2.87 2.52
N THR A 128 -0.12 2.36 2.92
CA THR A 128 1.13 3.12 2.90
C THR A 128 1.41 3.57 1.47
N MET A 129 1.39 2.63 0.55
CA MET A 129 1.87 2.84 -0.80
C MET A 129 0.77 3.52 -1.62
N LEU A 130 -0.46 3.26 -1.29
CA LEU A 130 -1.62 3.97 -1.86
C LEU A 130 -1.47 5.49 -1.67
N ALA A 131 -0.92 5.94 -0.52
CA ALA A 131 -0.69 7.37 -0.23
C ALA A 131 0.22 7.97 -1.31
N SER A 132 1.19 7.20 -1.85
CA SER A 132 2.14 7.69 -2.89
C SER A 132 1.35 8.07 -4.16
N LEU A 133 0.19 7.43 -4.39
CA LEU A 133 -0.65 7.59 -5.62
C LEU A 133 -1.71 8.69 -5.41
N MET A 134 -1.80 9.30 -4.21
CA MET A 134 -2.91 10.20 -3.81
C MET A 134 -2.40 11.63 -3.65
N ASN A 135 -3.18 12.60 -4.11
CA ASN A 135 -3.14 14.00 -3.64
C ASN A 135 -4.52 14.33 -3.09
N LYS A 136 -4.74 15.60 -2.78
CA LYS A 136 -5.99 16.11 -2.19
C LYS A 136 -7.17 15.86 -3.15
N ASP A 137 -6.93 15.76 -4.45
CA ASP A 137 -7.98 15.74 -5.49
C ASP A 137 -8.41 14.30 -5.86
N GLY A 138 -7.51 13.31 -5.75
CA GLY A 138 -7.78 11.96 -6.25
C GLY A 138 -6.61 11.05 -6.17
N VAL A 139 -6.74 9.89 -6.80
CA VAL A 139 -5.78 8.77 -6.73
C VAL A 139 -5.48 8.29 -8.17
N LEU A 140 -4.22 8.03 -8.46
CA LEU A 140 -3.78 7.39 -9.72
C LEU A 140 -4.30 5.97 -9.76
N ILE A 141 -4.92 5.56 -10.86
CA ILE A 141 -5.34 4.14 -11.04
C ILE A 141 -4.70 3.54 -12.32
N SER A 142 -4.84 2.22 -12.47
CA SER A 142 -4.31 1.44 -13.62
C SER A 142 -2.86 1.87 -13.89
N GLU A 143 -2.02 1.79 -12.87
CA GLU A 143 -0.55 2.04 -12.99
C GLU A 143 -0.31 3.41 -13.61
N GLY A 144 -1.02 4.44 -13.17
CA GLY A 144 -0.71 5.83 -13.47
C GLY A 144 -1.31 6.29 -14.79
N GLN A 145 -2.08 5.42 -15.45
CA GLN A 145 -2.77 5.73 -16.73
C GLN A 145 -4.03 6.54 -16.45
N GLY A 146 -4.59 6.39 -15.24
CA GLY A 146 -5.87 6.99 -14.84
C GLY A 146 -5.73 7.82 -13.58
N PHE A 147 -6.69 8.70 -13.35
CA PHE A 147 -6.83 9.48 -12.10
C PHE A 147 -8.29 9.56 -11.77
N MET A 148 -8.70 9.02 -10.64
CA MET A 148 -10.10 9.08 -10.17
C MET A 148 -10.21 10.06 -9.02
N THR A 149 -11.16 10.96 -9.07
CA THR A 149 -11.28 12.08 -8.11
C THR A 149 -11.85 11.56 -6.82
N ARG A 150 -11.39 12.14 -5.72
CA ARG A 150 -11.88 11.90 -4.35
C ARG A 150 -13.40 12.07 -4.29
N GLU A 151 -13.91 13.13 -4.88
CA GLU A 151 -15.37 13.47 -4.79
C GLU A 151 -16.17 12.47 -5.64
N PHE A 152 -15.63 11.96 -6.73
CA PHE A 152 -16.37 10.97 -7.54
C PHE A 152 -16.52 9.71 -6.70
N LEU A 153 -15.49 9.29 -6.00
CA LEU A 153 -15.56 8.11 -5.11
C LEU A 153 -16.56 8.35 -3.98
N LYS A 154 -16.63 9.57 -3.44
CA LYS A 154 -17.61 9.91 -2.37
C LYS A 154 -19.03 9.86 -2.90
N SER A 155 -19.24 10.10 -4.20
CA SER A 155 -20.60 10.14 -4.80
C SER A 155 -21.19 8.74 -4.96
N LEU A 156 -20.41 7.67 -4.84
CA LEU A 156 -20.95 6.29 -5.06
C LEU A 156 -21.98 6.00 -3.98
N ARG A 157 -22.99 5.19 -4.29
CA ARG A 157 -24.09 4.89 -3.33
C ARG A 157 -23.51 4.15 -2.11
N LYS A 158 -24.22 4.18 -0.99
CA LYS A 158 -23.84 3.48 0.27
C LYS A 158 -23.87 1.96 0.04
N PRO A 159 -22.99 1.18 0.70
CA PRO A 159 -21.88 1.71 1.49
C PRO A 159 -20.56 1.97 0.71
N PHE A 160 -20.64 2.11 -0.61
CA PHE A 160 -19.46 2.25 -1.53
C PHE A 160 -18.91 3.70 -1.46
N GLY A 161 -19.64 4.60 -0.81
CA GLY A 161 -19.33 6.04 -0.75
C GLY A 161 -18.15 6.37 0.16
N ASP A 162 -17.79 5.48 1.08
CA ASP A 162 -16.93 5.79 2.26
C ASP A 162 -15.62 5.02 2.19
N PHE A 163 -15.48 4.03 1.33
CA PHE A 163 -14.45 2.96 1.49
C PHE A 163 -13.04 3.56 1.32
N MET A 164 -12.87 4.66 0.59
CA MET A 164 -11.53 5.23 0.23
C MET A 164 -11.23 6.50 1.06
N GLU A 165 -12.25 7.20 1.52
CA GLU A 165 -12.14 8.50 2.23
C GLU A 165 -11.11 8.42 3.36
N PRO A 166 -11.11 7.38 4.19
CA PRO A 166 -10.12 7.26 5.28
C PRO A 166 -8.67 7.15 4.79
N LYS A 167 -8.47 6.45 3.68
CA LYS A 167 -7.13 6.27 3.09
C LYS A 167 -6.67 7.62 2.56
N PHE A 168 -7.59 8.42 2.00
CA PHE A 168 -7.27 9.80 1.54
C PHE A 168 -6.85 10.66 2.74
N GLU A 169 -7.57 10.53 3.85
CA GLU A 169 -7.33 11.31 5.09
C GLU A 169 -5.97 10.90 5.70
N PHE A 170 -5.68 9.61 5.77
CA PHE A 170 -4.34 9.08 6.15
C PHE A 170 -3.25 9.64 5.19
N ALA A 171 -3.52 9.66 3.89
CA ALA A 171 -2.53 9.99 2.84
C ALA A 171 -2.12 11.45 2.94
N VAL A 172 -3.07 12.35 3.03
CA VAL A 172 -2.76 13.81 3.05
C VAL A 172 -1.74 14.08 4.18
N LYS A 173 -1.93 13.46 5.34
CA LYS A 173 -1.08 13.63 6.54
C LYS A 173 0.22 12.84 6.38
N PHE A 174 0.17 11.61 5.85
CA PHE A 174 1.39 10.81 5.60
C PHE A 174 2.26 11.53 4.58
N ASN A 175 1.65 12.04 3.53
CA ASN A 175 2.38 12.66 2.40
C ASN A 175 3.08 13.94 2.83
N ALA A 176 2.58 14.60 3.87
CA ALA A 176 3.20 15.82 4.43
C ALA A 176 4.57 15.49 5.08
N LEU A 177 4.83 14.21 5.44
CA LEU A 177 6.15 13.80 5.97
C LEU A 177 7.19 13.81 4.83
N GLU A 178 6.75 13.78 3.57
CA GLU A 178 7.66 13.91 2.40
C GLU A 178 8.68 12.77 2.43
N LEU A 179 8.23 11.55 2.63
CA LEU A 179 9.09 10.37 2.49
C LEU A 179 9.34 10.12 1.00
N ASP A 180 10.52 9.63 0.67
CA ASP A 180 10.86 9.16 -0.69
C ASP A 180 10.92 7.64 -0.69
N ASP A 181 11.15 7.06 -1.84
CA ASP A 181 11.12 5.61 -2.05
C ASP A 181 12.19 4.94 -1.17
N SER A 182 13.35 5.56 -1.02
CA SER A 182 14.44 5.00 -0.21
C SER A 182 14.00 4.91 1.25
N ASP A 183 13.20 5.88 1.75
CA ASP A 183 12.60 5.84 3.12
C ASP A 183 11.55 4.72 3.17
N LEU A 184 10.62 4.72 2.22
CA LEU A 184 9.45 3.81 2.20
C LEU A 184 9.92 2.34 2.16
N ALA A 185 10.97 2.02 1.41
CA ALA A 185 11.50 0.64 1.28
C ALA A 185 11.81 0.10 2.66
N ILE A 186 12.36 0.92 3.57
CA ILE A 186 12.75 0.46 4.93
C ILE A 186 11.52 0.45 5.82
N PHE A 187 10.71 1.50 5.74
CA PHE A 187 9.46 1.60 6.51
C PHE A 187 8.58 0.34 6.25
N ILE A 188 8.44 -0.05 4.98
CA ILE A 188 7.61 -1.22 4.54
C ILE A 188 8.23 -2.53 5.11
N ALA A 189 9.54 -2.69 4.99
CA ALA A 189 10.26 -3.89 5.47
C ALA A 189 10.02 -4.05 6.96
N VAL A 190 10.04 -2.93 7.68
CA VAL A 190 9.82 -2.89 9.15
C VAL A 190 8.43 -3.44 9.45
N ILE A 191 7.43 -2.98 8.74
CA ILE A 191 6.02 -3.38 8.95
C ILE A 191 5.89 -4.88 8.70
N ILE A 192 6.38 -5.38 7.55
CA ILE A 192 6.19 -6.79 7.11
C ILE A 192 6.76 -7.70 8.18
N LEU A 193 7.92 -7.33 8.73
CA LEU A 193 8.67 -8.10 9.74
C LEU A 193 8.20 -7.70 11.15
N SER A 194 6.88 -7.67 11.39
CA SER A 194 6.26 -7.41 12.73
C SER A 194 6.12 -8.74 13.50
N GLY A 195 6.80 -8.85 14.66
CA GLY A 195 6.94 -10.10 15.44
C GLY A 195 5.62 -10.56 16.04
N ASP A 196 4.67 -9.62 16.22
CA ASP A 196 3.47 -9.75 17.08
C ASP A 196 2.22 -9.98 16.21
N ARG A 197 2.38 -10.56 15.00
CA ARG A 197 1.24 -11.08 14.19
C ARG A 197 0.84 -12.45 14.74
N PRO A 198 -0.47 -12.73 14.94
CA PRO A 198 -0.89 -13.93 15.64
C PRO A 198 -0.58 -15.22 14.85
N GLY A 199 -0.01 -16.22 15.53
CA GLY A 199 0.16 -17.60 15.01
C GLY A 199 1.48 -17.80 14.27
N LEU A 200 2.46 -16.91 14.46
CA LEU A 200 3.86 -17.15 14.03
C LEU A 200 4.47 -18.21 14.94
N LEU A 201 5.25 -19.12 14.37
CA LEU A 201 5.95 -20.21 15.10
C LEU A 201 7.22 -19.66 15.75
N ASN A 202 8.08 -18.99 14.96
CA ASN A 202 9.43 -18.52 15.39
C ASN A 202 9.47 -16.98 15.41
N VAL A 203 9.37 -16.39 16.61
CA VAL A 203 9.13 -14.93 16.83
C VAL A 203 10.47 -14.19 16.90
N LYS A 204 11.44 -14.70 17.67
CA LYS A 204 12.74 -14.00 17.94
C LYS A 204 13.48 -13.74 16.61
N PRO A 205 13.54 -14.72 15.68
CA PRO A 205 14.17 -14.51 14.38
C PRO A 205 13.61 -13.29 13.61
N ILE A 206 12.28 -13.17 13.58
CA ILE A 206 11.55 -12.05 12.92
C ILE A 206 11.91 -10.74 13.63
N GLU A 207 11.89 -10.74 14.98
CA GLU A 207 12.24 -9.56 15.82
C GLU A 207 13.69 -9.16 15.55
N ASP A 208 14.60 -10.12 15.42
CA ASP A 208 16.04 -9.87 15.15
C ASP A 208 16.17 -9.15 13.78
N ILE A 209 15.54 -9.69 12.73
CA ILE A 209 15.57 -9.04 11.38
C ILE A 209 14.98 -7.62 11.52
N GLN A 210 13.96 -7.42 12.38
CA GLN A 210 13.25 -6.10 12.48
C GLN A 210 14.14 -5.06 13.15
N ASP A 211 14.66 -5.33 14.33
CA ASP A 211 15.41 -4.31 15.14
C ASP A 211 16.56 -3.77 14.29
N ASN A 212 17.16 -4.65 13.48
CA ASN A 212 18.14 -4.31 12.42
C ASN A 212 17.50 -3.33 11.42
N LEU A 213 16.38 -3.71 10.79
CA LEU A 213 15.62 -2.86 9.83
C LEU A 213 15.31 -1.50 10.46
N LEU A 214 14.91 -1.48 11.74
CA LEU A 214 14.57 -0.26 12.50
C LEU A 214 15.81 0.63 12.66
N GLN A 215 16.96 0.07 13.03
CA GLN A 215 18.23 0.85 13.11
C GLN A 215 18.49 1.47 11.72
N ALA A 216 18.31 0.68 10.66
CA ALA A 216 18.54 1.13 9.27
C ALA A 216 17.59 2.27 8.94
N LEU A 217 16.32 2.17 9.37
CA LEU A 217 15.30 3.22 9.16
C LEU A 217 15.74 4.51 9.88
N GLU A 218 16.13 4.40 11.14
CA GLU A 218 16.48 5.58 11.94
C GLU A 218 17.68 6.30 11.30
N LEU A 219 18.72 5.56 10.98
CA LEU A 219 19.90 6.13 10.27
C LEU A 219 19.44 6.79 8.95
N GLN A 220 18.62 6.10 8.15
CA GLN A 220 18.12 6.61 6.84
C GLN A 220 17.42 7.96 7.05
N LEU A 221 16.54 8.06 8.04
CA LEU A 221 15.69 9.27 8.21
C LEU A 221 16.56 10.45 8.67
N LYS A 222 17.58 10.18 9.48
CA LYS A 222 18.53 11.20 9.97
C LYS A 222 19.34 11.73 8.79
N LEU A 223 19.88 10.84 7.96
CA LEU A 223 20.70 11.23 6.78
C LEU A 223 19.81 11.97 5.79
N ASN A 224 18.62 11.44 5.54
CA ASN A 224 17.81 11.84 4.39
C ASN A 224 16.91 13.03 4.76
N HIS A 225 16.70 13.30 6.03
CA HIS A 225 15.72 14.32 6.47
C HIS A 225 16.33 15.25 7.51
N PRO A 226 17.25 16.17 7.13
CA PRO A 226 17.85 17.12 8.07
C PRO A 226 16.82 18.10 8.67
N GLU A 227 15.65 18.26 8.02
CA GLU A 227 14.58 19.25 8.37
C GLU A 227 13.78 18.80 9.61
N SER A 228 13.82 17.52 10.00
CA SER A 228 13.05 17.00 11.17
C SER A 228 13.95 16.15 12.04
N SER A 229 13.77 16.22 13.36
CA SER A 229 14.37 15.27 14.34
C SER A 229 13.28 14.37 14.92
N GLN A 230 12.05 14.55 14.45
CA GLN A 230 10.84 13.92 15.02
C GLN A 230 10.35 12.79 14.09
N LEU A 231 10.97 12.65 12.92
CA LEU A 231 10.36 11.94 11.79
C LEU A 231 10.27 10.45 12.12
N PHE A 232 11.30 9.86 12.72
CA PHE A 232 11.33 8.43 13.10
C PHE A 232 10.17 8.13 14.05
N ALA A 233 9.99 8.98 15.07
CA ALA A 233 8.95 8.83 16.10
C ALA A 233 7.58 8.94 15.42
N LYS A 234 7.43 9.90 14.51
CA LYS A 234 6.15 10.12 13.79
C LYS A 234 5.83 8.90 12.95
N LEU A 235 6.82 8.20 12.44
CA LEU A 235 6.60 7.05 11.53
C LEU A 235 6.18 5.82 12.32
N LEU A 236 6.72 5.67 13.53
CA LEU A 236 6.28 4.64 14.49
C LEU A 236 4.81 4.84 14.84
N GLN A 237 4.35 6.09 14.95
CA GLN A 237 2.93 6.37 15.27
C GLN A 237 2.08 6.06 14.03
N LYS A 238 2.62 6.27 12.82
CA LYS A 238 1.92 5.91 11.56
C LYS A 238 1.69 4.39 11.53
N MET A 239 2.65 3.61 11.96
CA MET A 239 2.54 2.13 11.95
C MET A 239 1.31 1.73 12.80
N THR A 240 1.06 2.44 13.89
CA THR A 240 -0.08 2.20 14.81
C THR A 240 -1.37 2.69 14.14
N ASP A 241 -1.34 3.88 13.54
CA ASP A 241 -2.47 4.46 12.75
C ASP A 241 -2.93 3.46 11.66
N LEU A 242 -2.01 2.71 11.05
CA LEU A 242 -2.30 1.85 9.88
C LEU A 242 -3.12 0.62 10.30
N ARG A 243 -2.80 0.05 11.45
CA ARG A 243 -3.53 -1.10 12.03
C ARG A 243 -4.99 -0.70 12.22
N GLN A 244 -5.23 0.54 12.68
CA GLN A 244 -6.60 1.08 12.91
C GLN A 244 -7.33 1.19 11.58
N ILE A 245 -6.67 1.77 10.56
CA ILE A 245 -7.30 1.94 9.23
C ILE A 245 -7.70 0.55 8.69
N VAL A 246 -6.89 -0.47 8.96
CA VAL A 246 -7.14 -1.86 8.49
C VAL A 246 -8.32 -2.41 9.29
N THR A 247 -8.39 -2.11 10.58
CA THR A 247 -9.50 -2.53 11.46
C THR A 247 -10.80 -1.97 10.90
N GLU A 248 -10.80 -0.67 10.60
CA GLU A 248 -12.01 0.08 10.20
C GLU A 248 -12.43 -0.36 8.79
N HIS A 249 -11.48 -0.76 7.95
CA HIS A 249 -11.72 -1.27 6.58
C HIS A 249 -12.54 -2.58 6.64
N VAL A 250 -12.17 -3.48 7.55
CA VAL A 250 -12.83 -4.81 7.76
C VAL A 250 -14.27 -4.60 8.23
N GLN A 251 -14.47 -3.74 9.24
CA GLN A 251 -15.79 -3.28 9.70
C GLN A 251 -16.64 -2.95 8.47
N LEU A 252 -16.16 -2.03 7.64
CA LEU A 252 -16.85 -1.60 6.40
C LEU A 252 -17.16 -2.82 5.53
N LEU A 253 -16.17 -3.69 5.30
CA LEU A 253 -16.31 -4.84 4.38
C LEU A 253 -17.41 -5.78 4.88
N GLN A 254 -17.59 -5.91 6.19
CA GLN A 254 -18.68 -6.72 6.79
C GLN A 254 -20.03 -6.09 6.44
N VAL A 255 -20.15 -4.78 6.63
CA VAL A 255 -21.39 -4.00 6.35
C VAL A 255 -21.74 -4.21 4.88
N ILE A 256 -20.73 -4.29 4.01
CA ILE A 256 -20.90 -4.59 2.57
C ILE A 256 -21.34 -6.07 2.43
N LYS A 257 -20.59 -7.00 3.00
CA LYS A 257 -20.81 -8.47 2.87
C LYS A 257 -22.23 -8.83 3.36
N LYS A 258 -22.75 -8.10 4.35
CA LYS A 258 -24.02 -8.44 5.07
C LYS A 258 -25.11 -7.45 4.71
N THR A 259 -25.00 -6.77 3.56
CA THR A 259 -26.09 -5.94 2.98
C THR A 259 -26.00 -5.92 1.45
N GLU A 260 -24.89 -6.38 0.88
CA GLU A 260 -24.70 -6.56 -0.58
C GLU A 260 -24.45 -8.04 -0.85
N THR A 261 -25.29 -8.93 -0.31
CA THR A 261 -25.06 -10.39 -0.26
C THR A 261 -24.90 -10.93 -1.70
N ASP A 262 -25.33 -10.16 -2.69
CA ASP A 262 -25.18 -10.48 -4.15
C ASP A 262 -23.69 -10.63 -4.49
N MET A 263 -22.88 -9.60 -4.24
CA MET A 263 -21.64 -9.32 -5.00
C MET A 263 -20.49 -10.20 -4.49
N SER A 264 -19.55 -10.53 -5.37
CA SER A 264 -18.42 -11.47 -5.12
C SER A 264 -17.28 -10.73 -4.41
N LEU A 265 -16.78 -11.34 -3.33
CA LEU A 265 -15.50 -10.98 -2.67
C LEU A 265 -14.42 -12.00 -3.09
N HIS A 266 -13.32 -11.51 -3.67
CA HIS A 266 -12.17 -12.33 -4.13
C HIS A 266 -11.77 -13.31 -3.04
N PRO A 267 -11.63 -14.61 -3.35
CA PRO A 267 -11.43 -15.63 -2.33
C PRO A 267 -10.09 -15.45 -1.59
N LEU A 268 -9.08 -14.89 -2.26
CA LEU A 268 -7.74 -14.65 -1.64
C LEU A 268 -7.84 -13.54 -0.59
N LEU A 269 -8.60 -12.49 -0.87
CA LEU A 269 -8.92 -11.41 0.11
C LEU A 269 -9.82 -11.98 1.22
N GLN A 270 -10.73 -12.89 0.89
CA GLN A 270 -11.56 -13.59 1.91
C GLN A 270 -10.64 -14.36 2.84
N GLU A 271 -9.66 -15.06 2.28
CA GLU A 271 -8.62 -15.81 3.02
C GLU A 271 -7.93 -14.88 4.03
N ILE A 272 -7.55 -13.67 3.61
CA ILE A 272 -6.79 -12.68 4.45
C ILE A 272 -7.71 -12.16 5.56
N TYR A 273 -8.94 -11.81 5.24
CA TYR A 273 -9.88 -11.12 6.15
C TYR A 273 -10.36 -12.10 7.23
N LYS A 274 -10.28 -13.41 6.95
CA LYS A 274 -10.86 -14.49 7.80
C LYS A 274 -10.56 -14.18 9.26
N ASP A 275 -9.29 -14.22 9.65
CA ASP A 275 -8.85 -13.89 11.02
C ASP A 275 -8.19 -12.51 10.98
N LEU A 276 -9.01 -11.45 10.85
CA LEU A 276 -8.69 -10.07 11.29
C LEU A 276 -9.70 -9.68 12.37
N TYR A 277 -9.70 -10.42 13.49
CA TYR A 277 -10.86 -10.68 14.39
C TYR A 277 -10.39 -11.37 15.68
CAB WY1 B . -4.59 -1.45 -3.78
CAR WY1 B . -5.30 -0.34 -4.50
CAP WY1 B . -4.57 0.56 -5.30
CAA WY1 B . -3.07 0.48 -5.37
CAG WY1 B . -5.25 1.55 -6.01
CAF WY1 B . -6.61 1.68 -5.93
CAH WY1 B . -7.35 0.83 -5.13
CAT WY1 B . -6.69 -0.18 -4.41
NAM WY1 B . -7.40 -1.01 -3.56
C4 WY1 B . -8.27 -0.64 -2.57
N3 WY1 B . -9.25 -1.52 -2.29
C5 WY1 B . -8.16 0.61 -1.96
C6 WY1 B . -9.16 0.87 -1.04
CL6 WY1 B . -9.23 2.46 -0.33
N1 WY1 B . -10.14 0.05 -0.70
C2 WY1 B . -10.13 -1.10 -1.38
SAN WY1 B . -11.56 -2.08 -1.15
CAJ WY1 B . -10.99 -3.70 -1.74
CAO WY1 B . -10.30 -4.49 -0.65
OAC WY1 B . -9.12 -4.36 -0.34
OAD WY1 B . -11.11 -5.31 -0.08
CAB WY1 C . -13.33 -3.78 -12.91
CAR WY1 C . -12.87 -3.24 -14.24
CAP WY1 C . -12.29 -4.10 -15.18
CAA WY1 C . -11.86 -5.49 -14.81
CAG WY1 C . -12.03 -3.64 -16.47
CAF WY1 C . -12.32 -2.33 -16.84
CAH WY1 C . -12.86 -1.45 -15.92
CAT WY1 C . -13.11 -1.90 -14.61
NAM WY1 C . -13.56 -1.00 -13.62
C4 WY1 C . -12.79 -0.10 -12.92
N3 WY1 C . -11.78 -0.61 -12.19
C5 WY1 C . -13.08 1.26 -12.95
C6 WY1 C . -12.25 2.04 -12.17
CL6 WY1 C . -12.47 3.77 -12.17
N1 WY1 C . -11.24 1.60 -11.41
C2 WY1 C . -11.07 0.27 -11.48
SAN WY1 C . -9.76 -0.41 -10.50
CAJ WY1 C . -8.79 1.05 -10.09
CAO WY1 C . -7.36 0.68 -9.76
OAC WY1 C . -6.84 0.94 -8.71
OAD WY1 C . -6.75 0.08 -10.74
#